data_1XVI
#
_entry.id   1XVI
#
_cell.length_a   54.783
_cell.length_b   79.975
_cell.length_c   75.471
_cell.angle_alpha   90.00
_cell.angle_beta   99.56
_cell.angle_gamma   90.00
#
_symmetry.space_group_name_H-M   'P 1 21 1'
#
loop_
_entity.id
_entity.type
_entity.pdbx_description
1 polymer 'Putative mannosyl-3-phosphoglycerate phosphatase'
2 non-polymer 'SULFATE ION'
3 non-polymer 'PENTAETHYLENE GLYCOL'
4 non-polymer 'TETRAETHYLENE GLYCOL'
5 non-polymer 'TRIETHYLENE GLYCOL'
6 water water
#
_entity_poly.entity_id   1
_entity_poly.type   'polypeptide(L)'
_entity_poly.pdbx_seq_one_letter_code
;GHMFSIQQPLLVFSDLDGTLLDSHSYDWQPAAPWLTRLREANVPVILCSSKTSAEMLYLQKTLGLQGLPLIAENGAVIQL
AEQWQEIDGFPRIISGISHGEISLVLNTLREKEHFKFTTFDDVDDATIAEWTGLSRSQAALTQLHEASVTLIWRDSDERM
AQFTARLNELGLQFMQGARFWHVLDASAGKDQAANWIIATYQQLSGKRPTTLGLGDGPNDAPLLEVMDYAVIVKGLNREG
VHLHDEDPARVWRTQREGPEGWREGLDHFFSARGS
;
_entity_poly.pdbx_strand_id   A,B
#
loop_
_chem_comp.id
_chem_comp.type
_chem_comp.name
_chem_comp.formula
1PE non-polymer 'PENTAETHYLENE GLYCOL' 'C10 H22 O6'
PG4 non-polymer 'TETRAETHYLENE GLYCOL' 'C8 H18 O5'
PGE non-polymer 'TRIETHYLENE GLYCOL' 'C6 H14 O4'
SO4 non-polymer 'SULFATE ION' 'O4 S -2'
#
# COMPACT_ATOMS: atom_id res chain seq x y z
N ILE A 6 6.34 20.56 -5.42
CA ILE A 6 5.75 20.32 -4.05
C ILE A 6 6.47 19.10 -3.42
N GLN A 7 6.84 19.21 -2.15
CA GLN A 7 7.66 18.19 -1.51
C GLN A 7 6.92 16.88 -1.24
N GLN A 8 7.70 15.83 -1.03
CA GLN A 8 7.10 14.55 -0.72
C GLN A 8 6.18 14.69 0.49
N PRO A 9 4.94 14.25 0.37
CA PRO A 9 4.07 14.36 1.54
C PRO A 9 4.44 13.39 2.65
N LEU A 10 4.54 13.93 3.87
CA LEU A 10 4.78 13.18 5.09
C LEU A 10 3.57 13.42 5.97
N LEU A 11 2.69 12.43 6.07
CA LEU A 11 1.36 12.64 6.64
C LEU A 11 1.13 11.87 7.90
N VAL A 12 0.58 12.55 8.89
CA VAL A 12 0.20 11.91 10.14
C VAL A 12 -1.32 11.82 10.26
N PHE A 13 -1.82 10.60 10.42
CA PHE A 13 -3.24 10.36 10.74
C PHE A 13 -3.44 10.06 12.21
N SER A 14 -4.11 10.97 12.90
CA SER A 14 -4.20 10.91 14.35
C SER A 14 -5.60 10.60 14.81
N ASP A 15 -5.78 9.41 15.37
CA ASP A 15 -7.07 9.04 15.98
C ASP A 15 -6.90 8.96 17.50
N LEU A 16 -6.68 10.12 18.12
CA LEU A 16 -6.24 10.17 19.51
C LEU A 16 -7.06 11.14 20.34
N ASP A 17 -8.37 11.19 20.12
CA ASP A 17 -9.24 11.93 21.02
C ASP A 17 -9.17 11.21 22.36
N GLY A 18 -8.79 11.94 23.40
CA GLY A 18 -8.70 11.31 24.72
C GLY A 18 -7.26 11.03 25.14
N THR A 19 -6.32 11.27 24.24
CA THR A 19 -4.91 11.36 24.59
C THR A 19 -4.41 12.77 24.26
N LEU A 20 -4.74 13.29 23.06
CA LEU A 20 -4.30 14.62 22.60
C LEU A 20 -5.00 15.79 23.31
N LEU A 21 -6.31 15.62 23.55
CA LEU A 21 -7.17 16.71 24.02
C LEU A 21 -7.14 16.86 25.54
N ASP A 22 -7.13 18.11 25.98
CA ASP A 22 -7.23 18.44 27.41
C ASP A 22 -8.61 18.02 27.95
N SER A 23 -8.57 17.10 28.93
CA SER A 23 -9.77 16.44 29.50
C SER A 23 -10.89 17.42 29.88
N HIS A 24 -10.50 18.53 30.51
CA HIS A 24 -11.44 19.53 30.96
C HIS A 24 -11.49 20.75 30.02
N SER A 25 -10.33 21.16 29.51
CA SER A 25 -10.17 22.51 28.94
C SER A 25 -10.85 22.86 27.61
N TYR A 26 -10.63 24.10 27.23
CA TYR A 26 -11.55 24.94 26.48
C TYR A 26 -11.17 25.07 25.00
N ASP A 27 -11.07 26.33 24.59
CA ASP A 27 -10.46 26.74 23.35
C ASP A 27 -8.96 26.71 23.51
N TRP A 28 -8.48 26.28 24.67
CA TRP A 28 -7.05 26.35 24.98
C TRP A 28 -6.47 24.97 25.15
N GLN A 29 -5.96 24.45 24.03
CA GLN A 29 -5.42 23.10 23.94
C GLN A 29 -3.91 23.09 24.09
N PRO A 30 -3.39 22.31 25.04
CA PRO A 30 -1.95 22.14 25.21
C PRO A 30 -1.20 21.75 23.92
N ALA A 31 -1.84 20.96 23.05
CA ALA A 31 -1.17 20.51 21.82
C ALA A 31 -1.03 21.57 20.74
N ALA A 32 -1.81 22.66 20.82
CA ALA A 32 -1.85 23.66 19.74
C ALA A 32 -0.49 24.26 19.27
N PRO A 33 0.33 24.81 20.20
CA PRO A 33 1.63 25.36 19.79
C PRO A 33 2.54 24.35 19.08
N TRP A 34 2.56 23.10 19.56
CA TRP A 34 3.29 22.02 18.90
C TRP A 34 2.79 21.77 17.49
N LEU A 35 1.49 21.51 17.37
CA LEU A 35 0.89 21.13 16.09
C LEU A 35 0.95 22.26 15.06
N THR A 36 0.89 23.50 15.55
CA THR A 36 1.06 24.69 14.72
C THR A 36 2.45 24.67 14.05
N ARG A 37 3.49 24.42 14.85
CA ARG A 37 4.86 24.26 14.32
C ARG A 37 5.03 23.09 13.32
N LEU A 38 4.39 21.95 13.56
CA LEU A 38 4.40 20.84 12.61
C LEU A 38 3.75 21.20 11.27
N ARG A 39 2.66 21.93 11.34
CA ARG A 39 1.99 22.44 10.18
C ARG A 39 2.90 23.36 9.35
N GLU A 40 3.67 24.21 10.03
CA GLU A 40 4.62 25.15 9.38
C GLU A 40 5.79 24.42 8.74
N ALA A 41 6.16 23.26 9.31
CA ALA A 41 7.23 22.41 8.81
C ALA A 41 6.76 21.50 7.64
N ASN A 42 5.49 21.63 7.26
CA ASN A 42 4.82 20.76 6.30
C ASN A 42 4.79 19.29 6.72
N VAL A 43 4.40 19.05 7.97
CA VAL A 43 4.04 17.70 8.45
C VAL A 43 2.58 17.74 8.91
N PRO A 44 1.64 17.64 7.94
CA PRO A 44 0.22 17.77 8.27
C PRO A 44 -0.28 16.67 9.20
N VAL A 45 -0.99 17.07 10.24
CA VAL A 45 -1.66 16.14 11.10
C VAL A 45 -3.13 16.09 10.67
N ILE A 46 -3.53 14.95 10.14
CA ILE A 46 -4.91 14.72 9.71
C ILE A 46 -5.69 14.04 10.84
N LEU A 47 -6.57 14.81 11.47
CA LEU A 47 -7.38 14.27 12.57
C LEU A 47 -8.43 13.31 12.02
N CYS A 48 -8.59 12.20 12.74
CA CYS A 48 -9.53 11.16 12.37
CA CYS A 48 -9.55 11.15 12.37
C CYS A 48 -10.40 10.80 13.57
N SER A 49 -11.72 10.80 13.37
CA SER A 49 -12.63 10.57 14.48
C SER A 49 -13.98 10.03 14.08
N SER A 50 -14.65 9.45 15.07
CA SER A 50 -16.06 9.10 14.98
C SER A 50 -16.94 10.34 15.21
N LYS A 51 -16.34 11.38 15.79
CA LYS A 51 -17.04 12.63 16.12
C LYS A 51 -17.55 13.30 14.90
N THR A 52 -18.50 14.19 15.11
CA THR A 52 -19.20 14.85 14.02
C THR A 52 -18.30 15.89 13.37
N SER A 53 -18.69 16.29 12.16
CA SER A 53 -17.93 17.28 11.41
C SER A 53 -17.85 18.64 12.09
N ALA A 54 -18.96 19.09 12.69
CA ALA A 54 -19.00 20.35 13.41
C ALA A 54 -18.03 20.34 14.60
N GLU A 55 -18.08 19.26 15.37
CA GLU A 55 -17.21 19.05 16.52
C GLU A 55 -15.74 19.10 16.09
N MET A 56 -15.39 18.22 15.14
CA MET A 56 -14.03 18.08 14.60
C MET A 56 -13.49 19.37 13.96
N LEU A 57 -14.35 20.14 13.29
CA LEU A 57 -13.87 21.39 12.72
C LEU A 57 -13.54 22.37 13.82
N TYR A 58 -14.33 22.36 14.89
CA TYR A 58 -14.03 23.14 16.07
C TYR A 58 -12.70 22.73 16.71
N LEU A 59 -12.54 21.45 16.97
CA LEU A 59 -11.33 20.93 17.60
C LEU A 59 -10.08 21.21 16.75
N GLN A 60 -10.18 20.93 15.45
CA GLN A 60 -9.13 21.26 14.50
C GLN A 60 -8.65 22.71 14.61
N LYS A 61 -9.60 23.64 14.71
CA LYS A 61 -9.27 25.05 14.79
C LYS A 61 -8.53 25.38 16.11
N THR A 62 -9.00 24.82 17.23
CA THR A 62 -8.34 25.05 18.51
C THR A 62 -6.95 24.41 18.61
N LEU A 63 -6.71 23.40 17.78
CA LEU A 63 -5.43 22.67 17.75
C LEU A 63 -4.40 23.30 16.79
N GLY A 64 -4.82 24.29 16.03
CA GLY A 64 -3.92 24.98 15.10
C GLY A 64 -3.94 24.41 13.69
N LEU A 65 -4.92 23.54 13.43
CA LEU A 65 -4.88 22.69 12.24
C LEU A 65 -5.90 23.03 11.18
N GLN A 66 -6.60 24.17 11.34
CA GLN A 66 -7.63 24.63 10.37
C GLN A 66 -7.07 24.77 8.97
N GLY A 67 -7.81 24.29 7.98
CA GLY A 67 -7.35 24.29 6.61
C GLY A 67 -6.71 22.99 6.15
N LEU A 68 -6.54 22.05 7.08
CA LEU A 68 -6.01 20.71 6.78
C LEU A 68 -7.16 19.72 6.57
N PRO A 69 -6.90 18.64 5.82
CA PRO A 69 -7.96 17.61 5.77
C PRO A 69 -8.24 17.01 7.15
N LEU A 70 -9.44 16.46 7.31
CA LEU A 70 -9.79 15.68 8.49
C LEU A 70 -10.84 14.64 8.12
N ILE A 71 -10.95 13.59 8.93
CA ILE A 71 -11.88 12.51 8.77
C ILE A 71 -12.85 12.57 9.95
N ALA A 72 -14.12 12.80 9.63
CA ALA A 72 -15.20 12.89 10.60
C ALA A 72 -16.19 11.75 10.40
N GLU A 73 -16.97 11.49 11.45
CA GLU A 73 -18.10 10.55 11.41
C GLU A 73 -17.71 9.20 10.88
N ASN A 74 -16.60 8.68 11.39
CA ASN A 74 -16.09 7.37 11.00
C ASN A 74 -15.84 7.23 9.51
N GLY A 75 -15.51 8.34 8.85
CA GLY A 75 -15.21 8.36 7.41
C GLY A 75 -16.39 8.77 6.52
N ALA A 76 -17.57 8.98 7.11
CA ALA A 76 -18.73 9.44 6.35
C ALA A 76 -18.59 10.88 5.93
N VAL A 77 -17.62 11.58 6.50
CA VAL A 77 -17.35 12.97 6.13
C VAL A 77 -15.84 13.15 5.97
N ILE A 78 -15.46 13.78 4.87
CA ILE A 78 -14.06 14.11 4.63
C ILE A 78 -13.97 15.60 4.37
N GLN A 79 -13.32 16.33 5.28
CA GLN A 79 -12.97 17.72 5.00
C GLN A 79 -11.73 17.77 4.13
N LEU A 80 -11.78 18.54 3.06
CA LEU A 80 -10.66 18.64 2.15
C LEU A 80 -9.70 19.72 2.61
N ALA A 81 -8.45 19.64 2.17
CA ALA A 81 -7.52 20.74 2.42
C ALA A 81 -8.03 22.05 1.78
N GLU A 82 -7.79 23.14 2.50
CA GLU A 82 -7.87 24.53 2.05
C GLU A 82 -7.49 24.70 0.58
N GLN A 83 -6.35 24.11 0.21
CA GLN A 83 -5.72 24.29 -1.11
C GLN A 83 -6.19 23.30 -2.19
N TRP A 84 -7.24 22.54 -1.89
CA TRP A 84 -7.77 21.53 -2.81
C TRP A 84 -9.05 21.98 -3.55
N GLN A 85 -9.13 23.26 -3.91
CA GLN A 85 -10.30 23.79 -4.64
C GLN A 85 -10.53 23.12 -6.00
N GLU A 86 -9.48 22.56 -6.59
CA GLU A 86 -9.52 21.90 -7.90
CA GLU A 86 -9.61 21.94 -7.90
C GLU A 86 -9.98 20.44 -7.82
N ILE A 87 -10.10 19.93 -6.60
CA ILE A 87 -10.48 18.53 -6.39
C ILE A 87 -11.99 18.41 -6.36
N ASP A 88 -12.52 17.56 -7.24
CA ASP A 88 -13.95 17.24 -7.29
CA ASP A 88 -13.95 17.30 -7.28
C ASP A 88 -14.41 16.89 -5.89
N GLY A 89 -15.39 17.64 -5.37
CA GLY A 89 -15.94 17.40 -4.04
C GLY A 89 -15.62 18.48 -3.02
N PHE A 90 -14.68 19.35 -3.35
CA PHE A 90 -14.31 20.47 -2.48
C PHE A 90 -15.56 21.31 -2.13
N PRO A 91 -15.69 21.77 -0.85
CA PRO A 91 -14.77 21.67 0.28
C PRO A 91 -14.89 20.39 1.15
N ARG A 92 -15.95 19.61 0.94
CA ARG A 92 -16.27 18.50 1.82
C ARG A 92 -16.98 17.39 1.08
N ILE A 93 -16.50 16.17 1.28
CA ILE A 93 -17.09 14.98 0.68
C ILE A 93 -17.81 14.17 1.76
N ILE A 94 -19.12 14.03 1.57
CA ILE A 94 -20.05 13.42 2.52
C ILE A 94 -20.61 12.18 1.84
N SER A 95 -20.88 11.11 2.60
CA SER A 95 -21.61 9.98 2.03
CA SER A 95 -21.62 9.96 2.06
C SER A 95 -22.97 10.41 1.48
N GLY A 96 -23.34 9.84 0.33
CA GLY A 96 -24.63 10.13 -0.28
C GLY A 96 -25.83 9.73 0.59
N ILE A 97 -25.58 8.89 1.61
CA ILE A 97 -26.54 8.65 2.69
C ILE A 97 -26.35 9.66 3.83
N SER A 98 -27.25 10.63 3.92
CA SER A 98 -27.15 11.72 4.86
C SER A 98 -27.72 11.32 6.22
N HIS A 99 -27.52 12.19 7.19
CA HIS A 99 -28.07 12.05 8.52
C HIS A 99 -29.62 11.99 8.50
N GLY A 100 -30.24 12.79 7.63
CA GLY A 100 -31.69 12.83 7.49
C GLY A 100 -32.28 11.50 7.04
N GLU A 101 -31.62 10.86 6.08
CA GLU A 101 -32.06 9.60 5.51
C GLU A 101 -31.89 8.46 6.53
N ILE A 102 -30.75 8.48 7.23
CA ILE A 102 -30.48 7.51 8.30
C ILE A 102 -31.52 7.64 9.41
N SER A 103 -31.80 8.88 9.83
CA SER A 103 -32.87 9.16 10.81
C SER A 103 -34.22 8.57 10.38
N LEU A 104 -34.55 8.72 9.10
CA LEU A 104 -35.77 8.12 8.53
C LEU A 104 -35.80 6.61 8.68
N VAL A 105 -34.68 5.95 8.33
CA VAL A 105 -34.55 4.49 8.44
C VAL A 105 -34.66 4.09 9.90
N LEU A 106 -33.99 4.82 10.76
CA LEU A 106 -33.92 4.47 12.16
C LEU A 106 -35.29 4.55 12.82
N ASN A 107 -36.05 5.59 12.44
CA ASN A 107 -37.39 5.77 12.96
C ASN A 107 -38.39 4.78 12.39
N THR A 108 -38.19 4.36 11.16
CA THR A 108 -39.04 3.31 10.57
C THR A 108 -38.86 2.01 11.37
N LEU A 109 -37.62 1.62 11.66
CA LEU A 109 -37.34 0.41 12.45
C LEU A 109 -37.91 0.43 13.85
N ARG A 110 -37.79 1.59 14.49
CA ARG A 110 -38.27 1.79 15.85
C ARG A 110 -39.81 1.76 15.92
N GLU A 111 -40.47 2.42 14.97
CA GLU A 111 -41.93 2.46 14.94
C GLU A 111 -42.57 1.13 14.51
N LYS A 112 -41.98 0.48 13.50
CA LYS A 112 -42.55 -0.74 12.96
C LYS A 112 -42.09 -2.01 13.68
N GLU A 113 -40.85 -2.04 14.19
CA GLU A 113 -40.29 -3.27 14.78
C GLU A 113 -40.02 -3.10 16.25
N HIS A 114 -40.19 -1.87 16.74
CA HIS A 114 -40.14 -1.52 18.17
C HIS A 114 -38.80 -1.83 18.84
N PHE A 115 -37.72 -1.63 18.10
CA PHE A 115 -36.38 -1.67 18.69
C PHE A 115 -36.23 -0.53 19.70
N LYS A 116 -35.59 -0.84 20.82
CA LYS A 116 -35.44 0.10 21.92
C LYS A 116 -34.08 0.78 21.90
N PHE A 117 -34.08 2.08 21.59
CA PHE A 117 -32.86 2.88 21.53
C PHE A 117 -33.22 4.37 21.46
N THR A 118 -32.23 5.19 21.83
CA THR A 118 -32.35 6.61 21.90
C THR A 118 -31.19 7.19 21.12
N THR A 119 -31.50 7.98 20.11
CA THR A 119 -30.44 8.67 19.34
C THR A 119 -30.15 10.03 19.98
N PHE A 120 -29.03 10.64 19.59
CA PHE A 120 -28.65 11.98 20.07
C PHE A 120 -29.62 13.06 19.58
N ASP A 121 -30.37 12.74 18.51
CA ASP A 121 -31.45 13.56 17.96
C ASP A 121 -32.72 13.60 18.82
N ASP A 122 -32.93 12.56 19.62
CA ASP A 122 -34.13 12.37 20.46
C ASP A 122 -34.15 13.13 21.78
N VAL A 123 -33.04 13.80 22.13
CA VAL A 123 -32.89 14.49 23.43
C VAL A 123 -32.38 15.91 23.26
N ASP A 124 -32.41 16.73 24.31
CA ASP A 124 -31.86 18.06 24.20
C ASP A 124 -30.35 18.10 24.48
N ASP A 125 -29.75 19.26 24.20
CA ASP A 125 -28.32 19.52 24.45
C ASP A 125 -27.89 19.22 25.90
N ALA A 126 -28.67 19.67 26.88
CA ALA A 126 -28.39 19.40 28.30
C ALA A 126 -28.25 17.92 28.65
N THR A 127 -29.04 17.08 27.99
CA THR A 127 -28.99 15.63 28.20
C THR A 127 -27.76 15.03 27.54
N ILE A 128 -27.33 15.60 26.41
CA ILE A 128 -26.11 15.15 25.77
C ILE A 128 -24.90 15.55 26.59
N ALA A 129 -24.84 16.83 26.99
CA ALA A 129 -23.83 17.31 27.95
C ALA A 129 -23.69 16.35 29.15
N GLU A 130 -24.84 15.90 29.66
CA GLU A 130 -24.87 14.97 30.79
C GLU A 130 -24.35 13.57 30.43
N TRP A 131 -24.59 13.12 29.20
CA TRP A 131 -24.13 11.79 28.76
C TRP A 131 -22.65 11.79 28.40
N THR A 132 -22.16 12.94 27.91
CA THR A 132 -20.84 13.04 27.29
C THR A 132 -19.84 13.80 28.16
N GLY A 133 -20.34 14.40 29.25
CA GLY A 133 -19.52 15.23 30.12
C GLY A 133 -19.13 16.56 29.52
N LEU A 134 -19.44 16.77 28.24
CA LEU A 134 -19.09 18.01 27.55
C LEU A 134 -19.94 19.16 28.04
N SER A 135 -19.53 20.40 27.72
CA SER A 135 -20.35 21.57 28.05
C SER A 135 -21.59 21.56 27.16
N ARG A 136 -22.60 22.36 27.49
CA ARG A 136 -23.82 22.35 26.69
C ARG A 136 -23.52 22.76 25.24
N SER A 137 -22.59 23.70 25.09
CA SER A 137 -22.23 24.31 23.80
C SER A 137 -21.52 23.32 22.88
N GLN A 138 -20.68 22.48 23.48
CA GLN A 138 -19.95 21.46 22.74
CA GLN A 138 -19.95 21.47 22.74
C GLN A 138 -20.85 20.28 22.41
N ALA A 139 -21.70 19.90 23.36
CA ALA A 139 -22.76 18.92 23.17
C ALA A 139 -23.67 19.25 21.97
N ALA A 140 -23.96 20.54 21.77
CA ALA A 140 -24.66 21.01 20.58
C ALA A 140 -23.94 20.65 19.26
N LEU A 141 -22.61 20.74 19.24
CA LEU A 141 -21.82 20.37 18.06
C LEU A 141 -21.80 18.85 17.90
N THR A 142 -21.80 18.16 19.04
CA THR A 142 -21.90 16.71 19.11
C THR A 142 -23.23 16.19 18.56
N GLN A 143 -24.23 17.08 18.55
CA GLN A 143 -25.57 16.74 18.10
C GLN A 143 -25.76 16.99 16.58
N LEU A 144 -25.05 17.96 16.01
CA LEU A 144 -25.04 18.15 14.55
C LEU A 144 -24.29 17.03 13.83
N HIS A 145 -25.02 16.20 13.07
CA HIS A 145 -24.43 15.17 12.21
C HIS A 145 -24.75 15.46 10.75
N GLU A 146 -23.77 15.23 9.89
CA GLU A 146 -23.97 15.32 8.45
C GLU A 146 -24.35 13.98 7.83
N ALA A 147 -23.71 12.89 8.23
CA ALA A 147 -23.90 11.63 7.52
C ALA A 147 -23.81 10.43 8.42
N SER A 148 -24.34 10.58 9.64
CA SER A 148 -24.39 9.47 10.59
C SER A 148 -25.38 9.79 11.71
N VAL A 149 -25.65 8.78 12.55
CA VAL A 149 -26.46 8.92 13.75
C VAL A 149 -25.75 8.24 14.93
N THR A 150 -25.64 8.98 16.02
CA THR A 150 -25.12 8.43 17.27
C THR A 150 -26.31 8.04 18.15
N LEU A 151 -26.23 6.86 18.75
CA LEU A 151 -27.30 6.37 19.61
C LEU A 151 -26.82 5.55 20.83
N ILE A 152 -27.68 5.47 21.83
CA ILE A 152 -27.56 4.53 22.93
C ILE A 152 -28.55 3.40 22.69
N TRP A 153 -28.05 2.17 22.72
CA TRP A 153 -28.90 0.98 22.57
C TRP A 153 -29.58 0.64 23.90
N ARG A 154 -30.88 0.34 23.88
CA ARG A 154 -31.66 0.13 25.11
C ARG A 154 -32.45 -1.19 25.06
N ASP A 155 -31.97 -2.09 24.23
CA ASP A 155 -32.64 -3.33 24.01
C ASP A 155 -31.70 -4.47 24.35
N SER A 156 -32.12 -5.69 24.05
CA SER A 156 -31.33 -6.87 24.37
C SER A 156 -30.36 -7.17 23.24
N ASP A 157 -29.34 -7.97 23.55
CA ASP A 157 -28.32 -8.38 22.59
C ASP A 157 -28.89 -9.12 21.40
N GLU A 158 -29.89 -9.96 21.63
CA GLU A 158 -30.56 -10.69 20.53
C GLU A 158 -31.29 -9.70 19.60
N ARG A 159 -31.87 -8.66 20.18
CA ARG A 159 -32.54 -7.61 19.42
C ARG A 159 -31.52 -6.75 18.64
N MET A 160 -30.37 -6.53 19.27
CA MET A 160 -29.24 -5.88 18.61
C MET A 160 -28.73 -6.61 17.37
N ALA A 161 -28.67 -7.95 17.43
CA ALA A 161 -28.24 -8.76 16.29
C ALA A 161 -29.20 -8.64 15.11
N GLN A 162 -30.51 -8.69 15.37
CA GLN A 162 -31.48 -8.47 14.28
C GLN A 162 -31.49 -7.03 13.73
N PHE A 163 -31.09 -6.07 14.58
CA PHE A 163 -30.88 -4.66 14.19
C PHE A 163 -29.68 -4.50 13.23
N THR A 164 -28.50 -5.05 13.56
CA THR A 164 -27.32 -4.95 12.64
C THR A 164 -27.64 -5.50 11.26
N ALA A 165 -28.36 -6.62 11.23
CA ALA A 165 -28.73 -7.31 9.98
C ALA A 165 -29.67 -6.48 9.11
N ARG A 166 -30.73 -5.96 9.71
CA ARG A 166 -31.65 -5.03 9.05
C ARG A 166 -30.90 -3.83 8.47
N LEU A 167 -30.02 -3.23 9.28
CA LEU A 167 -29.22 -2.08 8.85
C LEU A 167 -28.34 -2.48 7.68
N ASN A 168 -27.65 -3.62 7.79
CA ASN A 168 -26.80 -4.15 6.70
C ASN A 168 -27.54 -4.36 5.39
N GLU A 169 -28.74 -4.93 5.46
CA GLU A 169 -29.60 -5.07 4.27
C GLU A 169 -29.93 -3.72 3.64
N LEU A 170 -29.99 -2.66 4.46
CA LEU A 170 -30.33 -1.30 3.99
C LEU A 170 -29.12 -0.43 3.62
N GLY A 171 -27.94 -1.04 3.53
CA GLY A 171 -26.73 -0.32 3.14
C GLY A 171 -26.03 0.41 4.26
N LEU A 172 -26.36 0.04 5.51
CA LEU A 172 -25.87 0.73 6.70
C LEU A 172 -25.09 -0.16 7.65
N GLN A 173 -24.11 0.41 8.33
CA GLN A 173 -23.34 -0.34 9.31
C GLN A 173 -23.63 0.20 10.71
N PHE A 174 -23.42 -0.66 11.69
CA PHE A 174 -23.64 -0.36 13.09
C PHE A 174 -22.31 -0.50 13.80
N MET A 175 -21.70 0.65 14.11
CA MET A 175 -20.32 0.68 14.55
C MET A 175 -20.18 1.12 15.99
N GLN A 176 -19.62 0.24 16.81
CA GLN A 176 -19.42 0.46 18.24
C GLN A 176 -18.26 1.40 18.49
N GLY A 177 -18.46 2.35 19.38
CA GLY A 177 -17.40 3.22 19.83
C GLY A 177 -17.15 2.95 21.30
N ALA A 178 -16.34 3.79 21.93
CA ALA A 178 -16.06 3.69 23.38
C ALA A 178 -17.35 3.60 24.20
N ARG A 179 -18.23 4.58 23.99
CA ARG A 179 -19.47 4.70 24.76
CA ARG A 179 -19.47 4.68 24.76
C ARG A 179 -20.71 4.43 23.91
N PHE A 180 -20.76 5.00 22.72
CA PHE A 180 -21.97 4.98 21.90
C PHE A 180 -21.83 4.17 20.62
N TRP A 181 -22.97 3.85 20.01
CA TRP A 181 -23.04 3.20 18.70
C TRP A 181 -23.22 4.26 17.61
N HIS A 182 -22.74 3.98 16.40
CA HIS A 182 -22.92 4.90 15.32
C HIS A 182 -23.46 4.17 14.13
N VAL A 183 -24.36 4.84 13.39
CA VAL A 183 -24.98 4.29 12.20
C VAL A 183 -24.60 5.21 11.02
N LEU A 184 -24.09 4.59 9.96
CA LEU A 184 -23.53 5.29 8.78
C LEU A 184 -23.49 4.33 7.58
N ASP A 185 -23.33 4.91 6.40
CA ASP A 185 -23.08 4.20 5.15
C ASP A 185 -22.11 3.05 5.35
N ALA A 186 -22.52 1.85 4.92
CA ALA A 186 -21.73 0.65 5.12
C ALA A 186 -20.44 0.67 4.31
N SER A 187 -20.39 1.48 3.27
CA SER A 187 -19.22 1.53 2.39
C SER A 187 -18.18 2.59 2.83
N ALA A 188 -18.45 3.26 3.95
CA ALA A 188 -17.56 4.28 4.49
C ALA A 188 -16.70 3.69 5.59
N GLY A 189 -15.56 4.32 5.84
CA GLY A 189 -14.64 3.86 6.89
C GLY A 189 -13.50 4.85 7.08
N LYS A 190 -12.91 4.87 8.27
CA LYS A 190 -11.72 5.71 8.54
C LYS A 190 -10.58 5.34 7.58
N ASP A 191 -10.42 4.03 7.34
CA ASP A 191 -9.50 3.48 6.36
C ASP A 191 -9.83 3.91 4.91
N GLN A 192 -11.10 3.84 4.51
CA GLN A 192 -11.49 4.22 3.14
C GLN A 192 -11.22 5.71 2.93
N ALA A 193 -11.66 6.52 3.86
CA ALA A 193 -11.40 7.97 3.82
C ALA A 193 -9.90 8.28 3.84
N ALA A 194 -9.12 7.58 4.69
CA ALA A 194 -7.66 7.75 4.73
C ALA A 194 -7.01 7.45 3.38
N ASN A 195 -7.39 6.32 2.76
CA ASN A 195 -6.90 5.98 1.43
C ASN A 195 -7.13 7.10 0.43
N TRP A 196 -8.32 7.70 0.47
CA TRP A 196 -8.70 8.72 -0.48
C TRP A 196 -7.84 10.00 -0.30
N ILE A 197 -7.63 10.41 0.96
CA ILE A 197 -6.75 11.54 1.30
C ILE A 197 -5.30 11.26 0.88
N ILE A 198 -4.78 10.09 1.25
CA ILE A 198 -3.45 9.68 0.80
C ILE A 198 -3.31 9.76 -0.73
N ALA A 199 -4.27 9.17 -1.46
CA ALA A 199 -4.29 9.19 -2.93
C ALA A 199 -4.35 10.61 -3.49
N THR A 200 -5.05 11.51 -2.81
CA THR A 200 -5.13 12.90 -3.27
C THR A 200 -3.81 13.62 -3.12
N TYR A 201 -3.19 13.50 -1.94
CA TYR A 201 -1.83 14.07 -1.74
C TYR A 201 -0.84 13.56 -2.80
N GLN A 202 -0.94 12.27 -3.13
CA GLN A 202 -0.07 11.63 -4.07
C GLN A 202 -0.29 12.14 -5.51
N GLN A 203 -1.56 12.31 -5.90
CA GLN A 203 -1.89 12.87 -7.21
C GLN A 203 -1.38 14.31 -7.35
N LEU A 204 -1.61 15.14 -6.34
CA LEU A 204 -1.20 16.54 -6.39
C LEU A 204 0.32 16.75 -6.32
N SER A 205 1.02 15.88 -5.58
CA SER A 205 2.49 15.95 -5.46
C SER A 205 3.29 15.24 -6.54
N GLY A 206 2.71 14.20 -7.16
CA GLY A 206 3.47 13.33 -8.07
C GLY A 206 4.43 12.40 -7.33
N LYS A 207 4.32 12.37 -5.99
CA LYS A 207 5.19 11.56 -5.11
C LYS A 207 4.38 10.71 -4.14
N ARG A 208 4.88 9.52 -3.81
CA ARG A 208 4.20 8.66 -2.85
C ARG A 208 4.27 9.30 -1.46
N PRO A 209 3.12 9.57 -0.81
CA PRO A 209 3.25 10.03 0.56
C PRO A 209 3.70 8.88 1.48
N THR A 210 4.38 9.23 2.56
CA THR A 210 4.73 8.28 3.61
C THR A 210 3.81 8.64 4.78
N THR A 211 3.24 7.62 5.41
CA THR A 211 2.13 7.83 6.33
C THR A 211 2.40 7.22 7.70
N LEU A 212 1.98 7.95 8.72
CA LEU A 212 2.08 7.49 10.10
C LEU A 212 0.69 7.56 10.76
N GLY A 213 0.26 6.45 11.38
CA GLY A 213 -0.99 6.43 12.13
C GLY A 213 -0.73 6.41 13.63
N LEU A 214 -1.48 7.22 14.35
CA LEU A 214 -1.46 7.25 15.80
C LEU A 214 -2.85 6.89 16.31
N GLY A 215 -2.93 5.81 17.08
CA GLY A 215 -4.18 5.39 17.70
C GLY A 215 -3.92 5.08 19.17
N ASP A 216 -4.98 5.00 19.95
CA ASP A 216 -4.80 4.64 21.36
C ASP A 216 -5.63 3.45 21.81
N GLY A 217 -5.89 2.51 20.91
CA GLY A 217 -6.42 1.19 21.30
C GLY A 217 -6.51 0.18 20.16
N PRO A 218 -6.95 -1.06 20.47
CA PRO A 218 -7.10 -2.10 19.44
C PRO A 218 -8.26 -1.86 18.48
N ASN A 219 -9.20 -0.99 18.86
CA ASN A 219 -10.32 -0.64 17.99
C ASN A 219 -9.93 0.17 16.75
N ASP A 220 -8.69 0.69 16.76
CA ASP A 220 -8.18 1.52 15.67
C ASP A 220 -7.52 0.70 14.57
N ALA A 221 -7.75 -0.60 14.57
CA ALA A 221 -7.06 -1.48 13.62
C ALA A 221 -7.23 -1.04 12.18
N PRO A 222 -8.48 -0.78 11.72
CA PRO A 222 -8.66 -0.53 10.28
C PRO A 222 -7.88 0.67 9.78
N LEU A 223 -7.96 1.80 10.49
CA LEU A 223 -7.20 2.98 10.12
C LEU A 223 -5.68 2.76 10.13
N LEU A 224 -5.18 2.17 11.21
CA LEU A 224 -3.74 1.97 11.40
C LEU A 224 -3.12 1.00 10.40
N GLU A 225 -3.99 0.13 9.87
CA GLU A 225 -3.65 -0.90 8.91
C GLU A 225 -3.24 -0.40 7.53
N VAL A 226 -3.79 0.74 7.12
CA VAL A 226 -3.42 1.21 5.80
C VAL A 226 -2.21 2.14 5.85
N MET A 227 -1.69 2.38 7.05
CA MET A 227 -0.52 3.25 7.25
C MET A 227 0.79 2.51 6.99
N ASP A 228 1.79 3.21 6.45
CA ASP A 228 3.16 2.68 6.38
C ASP A 228 3.72 2.42 7.79
N TYR A 229 3.42 3.34 8.72
CA TYR A 229 3.89 3.22 10.09
C TYR A 229 2.74 3.48 11.02
N ALA A 230 2.60 2.65 12.05
CA ALA A 230 1.48 2.81 12.98
C ALA A 230 1.95 2.52 14.39
N VAL A 231 1.54 3.36 15.34
CA VAL A 231 1.85 3.18 16.76
C VAL A 231 0.62 3.37 17.61
N ILE A 232 0.61 2.65 18.73
CA ILE A 232 -0.32 2.89 19.83
C ILE A 232 0.39 3.80 20.82
N VAL A 233 -0.28 4.88 21.21
CA VAL A 233 0.28 5.74 22.24
C VAL A 233 -0.60 5.66 23.48
N LYS A 234 0.04 5.54 24.64
CA LYS A 234 -0.64 5.59 25.91
C LYS A 234 -0.04 6.70 26.80
N GLY A 235 -0.91 7.58 27.30
CA GLY A 235 -0.53 8.51 28.40
C GLY A 235 0.12 7.76 29.56
N LEU A 236 1.22 8.28 30.09
CA LEU A 236 1.98 7.59 31.12
C LEU A 236 1.28 7.64 32.49
N ASN A 237 1.55 6.62 33.32
CA ASN A 237 1.23 6.63 34.76
C ASN A 237 1.70 5.37 35.50
N MET B 3 18.03 -48.20 -9.24
CA MET B 3 18.78 -47.39 -8.24
C MET B 3 18.53 -45.90 -8.45
N PHE B 4 18.16 -45.23 -7.35
CA PHE B 4 18.05 -43.78 -7.33
C PHE B 4 19.36 -43.17 -7.86
N SER B 5 19.25 -42.10 -8.64
CA SER B 5 20.42 -41.37 -9.16
C SER B 5 20.10 -39.91 -9.43
N ILE B 6 20.99 -39.01 -9.03
CA ILE B 6 20.82 -37.58 -9.36
C ILE B 6 21.43 -37.30 -10.71
N GLN B 7 20.56 -36.93 -11.65
CA GLN B 7 20.93 -36.66 -13.02
C GLN B 7 21.83 -35.46 -13.12
N GLN B 8 22.71 -35.49 -14.11
CA GLN B 8 23.48 -34.31 -14.45
C GLN B 8 22.52 -33.16 -14.75
N PRO B 9 22.70 -32.02 -14.09
CA PRO B 9 21.79 -30.90 -14.36
C PRO B 9 21.97 -30.30 -15.75
N LEU B 10 20.86 -30.08 -16.44
CA LEU B 10 20.85 -29.42 -17.73
C LEU B 10 19.90 -28.26 -17.55
N LEU B 11 20.48 -27.06 -17.49
CA LEU B 11 19.72 -25.91 -17.02
C LEU B 11 19.57 -24.87 -18.09
N VAL B 12 18.34 -24.43 -18.27
CA VAL B 12 18.03 -23.35 -19.19
C VAL B 12 17.80 -22.08 -18.39
N PHE B 13 18.57 -21.02 -18.69
CA PHE B 13 18.28 -19.67 -18.16
C PHE B 13 17.53 -18.80 -19.18
N SER B 14 16.26 -18.50 -18.89
CA SER B 14 15.42 -17.80 -19.85
C SER B 14 15.19 -16.35 -19.47
N ASP B 15 15.76 -15.45 -20.26
CA ASP B 15 15.49 -14.02 -20.10
C ASP B 15 14.78 -13.54 -21.37
N LEU B 16 13.54 -13.95 -21.54
CA LEU B 16 12.83 -13.66 -22.78
C LEU B 16 11.54 -12.87 -22.51
N ASP B 17 11.70 -11.62 -22.08
CA ASP B 17 10.61 -10.64 -22.04
C ASP B 17 10.04 -10.42 -23.43
N GLY B 18 8.74 -10.60 -23.58
CA GLY B 18 8.06 -10.21 -24.82
C GLY B 18 8.36 -11.06 -26.04
N THR B 19 8.95 -12.23 -25.81
CA THR B 19 9.09 -13.25 -26.85
C THR B 19 8.28 -14.51 -26.44
N LEU B 20 8.54 -15.01 -25.23
CA LEU B 20 7.94 -16.25 -24.73
C LEU B 20 6.50 -16.07 -24.25
N LEU B 21 6.19 -14.91 -23.70
CA LEU B 21 4.87 -14.63 -23.13
C LEU B 21 3.90 -14.11 -24.18
N ASP B 22 2.62 -14.43 -23.97
CA ASP B 22 1.56 -13.76 -24.71
C ASP B 22 1.17 -12.51 -23.90
N SER B 23 1.28 -11.34 -24.54
CA SER B 23 1.14 -10.04 -23.86
C SER B 23 -0.28 -9.73 -23.38
N HIS B 24 -1.23 -9.71 -24.32
CA HIS B 24 -2.63 -9.49 -24.00
C HIS B 24 -3.20 -10.69 -23.24
N SER B 25 -2.70 -11.89 -23.55
CA SER B 25 -3.19 -13.13 -22.92
C SER B 25 -2.87 -13.28 -21.43
N TYR B 26 -3.65 -14.16 -20.82
CA TYR B 26 -4.02 -14.11 -19.42
C TYR B 26 -3.17 -15.02 -18.54
N ASP B 27 -3.92 -15.81 -17.79
CA ASP B 27 -3.44 -16.94 -17.04
C ASP B 27 -3.12 -18.07 -17.99
N TRP B 28 -3.41 -17.86 -19.29
CA TRP B 28 -3.27 -18.91 -20.30
C TRP B 28 -2.15 -18.62 -21.25
N GLN B 29 -1.01 -19.21 -20.94
CA GLN B 29 0.21 -19.00 -21.69
C GLN B 29 0.43 -20.12 -22.71
N PRO B 30 0.64 -19.76 -23.97
CA PRO B 30 0.92 -20.76 -25.02
C PRO B 30 2.11 -21.70 -24.71
N ALA B 31 3.07 -21.23 -23.90
CA ALA B 31 4.29 -21.99 -23.65
C ALA B 31 4.08 -23.04 -22.59
N ALA B 32 3.02 -22.90 -21.79
CA ALA B 32 2.82 -23.74 -20.60
C ALA B 32 2.83 -25.26 -20.82
N PRO B 33 2.05 -25.78 -21.82
CA PRO B 33 2.09 -27.23 -22.11
C PRO B 33 3.51 -27.71 -22.41
N TRP B 34 4.29 -26.87 -23.11
CA TRP B 34 5.62 -27.21 -23.56
C TRP B 34 6.55 -27.21 -22.36
N LEU B 35 6.54 -26.11 -21.61
CA LEU B 35 7.44 -25.98 -20.45
C LEU B 35 7.12 -27.01 -19.37
N THR B 36 5.85 -27.41 -19.26
CA THR B 36 5.43 -28.50 -18.38
C THR B 36 6.09 -29.86 -18.68
N ARG B 37 6.11 -30.28 -19.95
CA ARG B 37 6.82 -31.53 -20.32
C ARG B 37 8.34 -31.43 -20.12
N LEU B 38 8.96 -30.28 -20.40
CA LEU B 38 10.38 -30.10 -20.09
C LEU B 38 10.70 -30.28 -18.59
N ARG B 39 9.86 -29.69 -17.76
CA ARG B 39 10.03 -29.85 -16.34
C ARG B 39 9.98 -31.32 -15.92
N GLU B 40 9.02 -32.06 -16.49
CA GLU B 40 8.81 -33.47 -16.15
C GLU B 40 9.96 -34.37 -16.64
N ALA B 41 10.61 -33.98 -17.74
CA ALA B 41 11.84 -34.61 -18.20
C ALA B 41 13.13 -34.13 -17.50
N ASN B 42 13.01 -33.24 -16.52
CA ASN B 42 14.18 -32.69 -15.78
C ASN B 42 15.11 -31.81 -16.63
N VAL B 43 14.50 -30.93 -17.42
CA VAL B 43 15.23 -29.84 -18.08
C VAL B 43 14.63 -28.57 -17.49
N PRO B 44 15.13 -28.13 -16.29
CA PRO B 44 14.58 -26.97 -15.60
C PRO B 44 14.81 -25.70 -16.40
N VAL B 45 13.75 -24.89 -16.54
CA VAL B 45 13.80 -23.59 -17.19
C VAL B 45 13.71 -22.57 -16.05
N ILE B 46 14.79 -21.82 -15.89
CA ILE B 46 14.95 -20.84 -14.82
C ILE B 46 14.66 -19.46 -15.41
N LEU B 47 13.49 -18.93 -15.07
CA LEU B 47 13.11 -17.58 -15.52
C LEU B 47 14.00 -16.55 -14.84
N CYS B 48 14.53 -15.63 -15.66
CA CYS B 48 15.35 -14.55 -15.15
CA CYS B 48 15.37 -14.53 -15.16
C CYS B 48 14.82 -13.23 -15.71
N SER B 49 14.70 -12.22 -14.85
CA SER B 49 14.00 -11.01 -15.21
C SER B 49 14.32 -9.85 -14.30
N SER B 50 13.99 -8.65 -14.78
CA SER B 50 13.94 -7.42 -13.97
C SER B 50 12.64 -7.25 -13.18
N LYS B 51 11.64 -8.07 -13.46
CA LYS B 51 10.35 -8.03 -12.80
C LYS B 51 10.43 -8.44 -11.34
N THR B 52 9.40 -8.09 -10.59
CA THR B 52 9.35 -8.34 -9.17
C THR B 52 9.18 -9.82 -8.90
N SER B 53 9.58 -10.24 -7.72
CA SER B 53 9.37 -11.60 -7.26
C SER B 53 7.90 -12.06 -7.39
N ALA B 54 6.96 -11.21 -7.00
CA ALA B 54 5.54 -11.55 -6.96
C ALA B 54 4.96 -11.78 -8.38
N GLU B 55 5.32 -10.89 -9.29
CA GLU B 55 4.97 -10.97 -10.70
CA GLU B 55 4.93 -10.99 -10.69
C GLU B 55 5.58 -12.24 -11.32
N MET B 56 6.89 -12.42 -11.11
CA MET B 56 7.62 -13.60 -11.59
C MET B 56 6.99 -14.91 -11.12
N LEU B 57 6.56 -14.95 -9.85
CA LEU B 57 6.01 -16.17 -9.25
C LEU B 57 4.67 -16.52 -9.86
N TYR B 58 3.86 -15.50 -10.16
CA TYR B 58 2.59 -15.71 -10.84
C TYR B 58 2.82 -16.17 -12.28
N LEU B 59 3.69 -15.46 -13.01
CA LEU B 59 4.12 -15.90 -14.34
C LEU B 59 4.71 -17.33 -14.38
N GLN B 60 5.54 -17.66 -13.42
CA GLN B 60 6.09 -19.00 -13.28
C GLN B 60 4.97 -20.05 -13.18
N LYS B 61 4.00 -19.78 -12.33
CA LYS B 61 2.84 -20.66 -12.17
C LYS B 61 2.04 -20.84 -13.47
N THR B 62 1.83 -19.77 -14.25
CA THR B 62 1.05 -19.90 -15.49
C THR B 62 1.83 -20.55 -16.65
N LEU B 63 3.15 -20.65 -16.49
CA LEU B 63 4.01 -21.30 -17.49
C LEU B 63 4.28 -22.74 -17.11
N GLY B 64 3.77 -23.14 -15.95
CA GLY B 64 3.92 -24.52 -15.47
C GLY B 64 5.28 -24.82 -14.86
N LEU B 65 5.93 -23.81 -14.29
CA LEU B 65 7.29 -23.91 -13.78
C LEU B 65 7.44 -23.69 -12.29
N GLN B 66 6.32 -23.69 -11.55
CA GLN B 66 6.29 -23.41 -10.12
C GLN B 66 7.10 -24.44 -9.34
N GLY B 67 7.87 -24.00 -8.36
CA GLY B 67 8.76 -24.92 -7.68
C GLY B 67 10.19 -24.92 -8.19
N LEU B 68 10.42 -24.28 -9.33
CA LEU B 68 11.78 -24.14 -9.84
C LEU B 68 12.42 -22.84 -9.33
N PRO B 69 13.76 -22.76 -9.34
CA PRO B 69 14.34 -21.46 -9.05
C PRO B 69 13.98 -20.39 -10.06
N LEU B 70 14.11 -19.14 -9.66
CA LEU B 70 14.00 -18.05 -10.61
C LEU B 70 14.79 -16.87 -10.10
N ILE B 71 15.12 -15.99 -11.02
CA ILE B 71 15.89 -14.79 -10.73
C ILE B 71 14.97 -13.61 -11.01
N ALA B 72 14.70 -12.82 -9.98
CA ALA B 72 13.80 -11.66 -10.11
C ALA B 72 14.57 -10.41 -9.74
N GLU B 73 13.98 -9.27 -10.07
CA GLU B 73 14.56 -7.95 -9.73
C GLU B 73 16.03 -7.84 -10.08
N ASN B 74 16.39 -8.34 -11.26
CA ASN B 74 17.74 -8.20 -11.80
C ASN B 74 18.77 -8.91 -10.96
N GLY B 75 18.37 -9.97 -10.27
CA GLY B 75 19.29 -10.71 -9.41
C GLY B 75 19.27 -10.29 -7.95
N ALA B 76 18.47 -9.29 -7.62
CA ALA B 76 18.30 -8.84 -6.23
C ALA B 76 17.47 -9.80 -5.42
N VAL B 77 16.67 -10.61 -6.11
CA VAL B 77 15.83 -11.63 -5.46
C VAL B 77 16.06 -12.95 -6.19
N ILE B 78 16.37 -13.99 -5.41
CA ILE B 78 16.54 -15.34 -5.95
C ILE B 78 15.56 -16.28 -5.26
N GLN B 79 14.61 -16.79 -6.03
CA GLN B 79 13.71 -17.85 -5.57
C GLN B 79 14.43 -19.19 -5.66
N LEU B 80 14.46 -19.92 -4.54
CA LEU B 80 15.06 -21.26 -4.49
C LEU B 80 14.10 -22.35 -4.96
N ALA B 81 14.66 -23.41 -5.54
CA ALA B 81 13.84 -24.59 -5.84
C ALA B 81 13.05 -25.02 -4.60
N GLU B 82 11.79 -25.41 -4.81
CA GLU B 82 10.95 -26.04 -3.78
C GLU B 82 11.63 -27.14 -2.95
N GLN B 83 12.49 -27.93 -3.60
CA GLN B 83 13.18 -29.07 -2.98
CA GLN B 83 13.11 -29.04 -2.88
C GLN B 83 14.49 -28.67 -2.29
N TRP B 84 14.77 -27.37 -2.21
CA TRP B 84 16.00 -26.88 -1.57
C TRP B 84 15.89 -26.44 -0.08
N GLN B 85 14.92 -26.99 0.67
CA GLN B 85 14.73 -26.67 2.10
C GLN B 85 16.01 -26.56 2.95
N GLU B 86 17.03 -27.35 2.63
CA GLU B 86 18.26 -27.41 3.40
C GLU B 86 19.31 -26.36 2.99
N ILE B 87 19.03 -25.63 1.91
CA ILE B 87 19.96 -24.61 1.44
C ILE B 87 19.76 -23.34 2.26
N ASP B 88 20.88 -22.82 2.79
CA ASP B 88 20.86 -21.56 3.52
CA ASP B 88 20.87 -21.56 3.52
C ASP B 88 20.32 -20.46 2.63
N GLY B 89 19.27 -19.80 3.10
CA GLY B 89 18.62 -18.74 2.34
C GLY B 89 17.21 -19.09 1.92
N PHE B 90 16.91 -20.40 1.84
CA PHE B 90 15.57 -20.91 1.49
C PHE B 90 14.45 -20.17 2.25
N PRO B 91 13.29 -19.90 1.61
CA PRO B 91 12.91 -20.10 0.21
C PRO B 91 13.46 -19.06 -0.79
N ARG B 92 14.04 -17.97 -0.28
CA ARG B 92 14.28 -16.81 -1.12
C ARG B 92 15.46 -15.97 -0.64
N ILE B 93 16.36 -15.61 -1.55
CA ILE B 93 17.49 -14.77 -1.18
C ILE B 93 17.33 -13.36 -1.74
N ILE B 94 17.16 -12.42 -0.83
CA ILE B 94 16.88 -11.02 -1.13
C ILE B 94 18.12 -10.25 -0.72
N SER B 95 18.54 -9.31 -1.55
CA SER B 95 19.61 -8.41 -1.16
C SER B 95 19.32 -7.74 0.19
N GLY B 96 20.37 -7.56 0.98
CA GLY B 96 20.31 -6.81 2.23
C GLY B 96 19.86 -5.36 2.06
N ILE B 97 19.98 -4.78 0.86
CA ILE B 97 19.39 -3.46 0.58
CA ILE B 97 19.36 -3.48 0.67
C ILE B 97 17.98 -3.62 0.03
N SER B 98 16.98 -3.40 0.87
CA SER B 98 15.59 -3.59 0.52
C SER B 98 15.03 -2.48 -0.37
N HIS B 99 13.85 -2.73 -0.91
CA HIS B 99 13.04 -1.72 -1.58
C HIS B 99 12.85 -0.44 -0.72
N GLY B 100 12.59 -0.63 0.58
CA GLY B 100 12.35 0.46 1.54
C GLY B 100 13.52 1.43 1.67
N GLU B 101 14.72 0.87 1.87
CA GLU B 101 15.93 1.69 1.96
CA GLU B 101 15.98 1.62 1.95
C GLU B 101 16.31 2.39 0.65
N ILE B 102 16.09 1.73 -0.48
CA ILE B 102 16.28 2.37 -1.81
C ILE B 102 15.28 3.53 -2.01
N SER B 103 14.01 3.31 -1.67
CA SER B 103 13.03 4.40 -1.68
C SER B 103 13.46 5.60 -0.83
N LEU B 104 13.98 5.34 0.37
CA LEU B 104 14.57 6.40 1.20
C LEU B 104 15.65 7.20 0.51
N VAL B 105 16.63 6.49 -0.06
CA VAL B 105 17.71 7.06 -0.85
C VAL B 105 17.19 7.90 -2.04
N LEU B 106 16.24 7.35 -2.79
CA LEU B 106 15.74 8.03 -4.00
C LEU B 106 14.99 9.30 -3.65
N ASN B 107 14.17 9.23 -2.59
CA ASN B 107 13.48 10.41 -2.12
C ASN B 107 14.40 11.50 -1.63
N THR B 108 15.46 11.14 -0.92
CA THR B 108 16.44 12.09 -0.42
C THR B 108 17.08 12.81 -1.61
N LEU B 109 17.48 12.04 -2.62
CA LEU B 109 18.10 12.61 -3.83
C LEU B 109 17.13 13.50 -4.59
N ARG B 110 15.88 13.06 -4.70
CA ARG B 110 14.85 13.88 -5.33
C ARG B 110 14.54 15.17 -4.55
N GLU B 111 14.31 15.05 -3.25
CA GLU B 111 13.96 16.21 -2.42
C GLU B 111 15.08 17.27 -2.38
N LYS B 112 16.33 16.80 -2.28
CA LYS B 112 17.50 17.67 -2.12
C LYS B 112 18.09 18.17 -3.42
N GLU B 113 18.16 17.33 -4.44
CA GLU B 113 18.87 17.65 -5.69
C GLU B 113 17.95 17.89 -6.85
N HIS B 114 16.67 17.60 -6.67
CA HIS B 114 15.64 17.91 -7.65
C HIS B 114 15.76 17.12 -8.96
N PHE B 115 16.32 15.92 -8.89
CA PHE B 115 16.32 15.04 -10.05
C PHE B 115 14.89 14.76 -10.44
N LYS B 116 14.62 14.75 -11.74
CA LYS B 116 13.25 14.54 -12.20
C LYS B 116 13.05 13.11 -12.65
N PHE B 117 12.23 12.41 -11.86
CA PHE B 117 11.84 11.04 -12.14
C PHE B 117 10.59 10.71 -11.35
N THR B 118 9.93 9.64 -11.79
CA THR B 118 8.73 9.13 -11.17
C THR B 118 8.95 7.62 -11.07
N THR B 119 8.86 7.11 -9.85
CA THR B 119 8.98 5.67 -9.58
C THR B 119 7.62 4.97 -9.69
N PHE B 120 7.64 3.64 -9.79
CA PHE B 120 6.41 2.85 -9.73
C PHE B 120 5.61 3.02 -8.44
N ASP B 121 6.31 3.37 -7.36
CA ASP B 121 5.70 3.67 -6.06
C ASP B 121 4.93 5.00 -5.96
N ASP B 122 5.29 5.97 -6.81
CA ASP B 122 4.65 7.31 -6.83
C ASP B 122 3.21 7.37 -7.43
N VAL B 123 2.76 6.28 -8.06
CA VAL B 123 1.46 6.25 -8.78
C VAL B 123 0.56 5.07 -8.36
N ASP B 124 -0.72 5.10 -8.77
CA ASP B 124 -1.63 3.99 -8.48
C ASP B 124 -1.48 2.91 -9.56
N ASP B 125 -2.08 1.75 -9.34
CA ASP B 125 -1.87 0.66 -10.31
C ASP B 125 -2.63 0.80 -11.62
N ALA B 126 -3.66 1.65 -11.66
CA ALA B 126 -4.29 2.00 -12.95
C ALA B 126 -3.34 2.77 -13.86
N THR B 127 -2.43 3.56 -13.28
CA THR B 127 -1.40 4.29 -14.04
C THR B 127 -0.28 3.35 -14.52
N ILE B 128 0.12 2.42 -13.67
CA ILE B 128 1.03 1.38 -14.07
C ILE B 128 0.39 0.47 -15.13
N ALA B 129 -0.90 0.17 -15.02
CA ALA B 129 -1.61 -0.58 -16.06
C ALA B 129 -1.50 0.12 -17.40
N GLU B 130 -1.71 1.44 -17.40
CA GLU B 130 -1.56 2.25 -18.60
C GLU B 130 -0.14 2.27 -19.15
N TRP B 131 0.84 2.43 -18.26
CA TRP B 131 2.25 2.52 -18.64
C TRP B 131 2.78 1.23 -19.22
N THR B 132 2.35 0.11 -18.64
CA THR B 132 2.86 -1.21 -19.01
C THR B 132 2.00 -1.93 -20.04
N GLY B 133 0.71 -1.59 -20.10
CA GLY B 133 -0.26 -2.38 -20.87
C GLY B 133 -0.72 -3.62 -20.12
N LEU B 134 -0.37 -3.74 -18.84
CA LEU B 134 -0.90 -4.82 -18.01
C LEU B 134 -2.32 -4.52 -17.52
N SER B 135 -2.96 -5.51 -16.89
CA SER B 135 -4.24 -5.29 -16.20
C SER B 135 -3.92 -4.62 -14.87
N ARG B 136 -4.94 -4.08 -14.20
CA ARG B 136 -4.76 -3.58 -12.84
C ARG B 136 -4.12 -4.64 -11.94
N SER B 137 -4.58 -5.89 -12.06
CA SER B 137 -4.15 -6.96 -11.15
C SER B 137 -2.67 -7.34 -11.32
N GLN B 138 -2.22 -7.46 -12.57
CA GLN B 138 -0.81 -7.71 -12.86
C GLN B 138 0.03 -6.47 -12.56
N ALA B 139 -0.52 -5.29 -12.86
CA ALA B 139 0.09 -4.03 -12.47
C ALA B 139 0.33 -3.93 -10.95
N ALA B 140 -0.61 -4.43 -10.15
CA ALA B 140 -0.41 -4.52 -8.70
C ALA B 140 0.80 -5.37 -8.27
N LEU B 141 1.02 -6.52 -8.90
CA LEU B 141 2.16 -7.38 -8.57
C LEU B 141 3.45 -6.77 -9.07
N THR B 142 3.34 -5.97 -10.13
CA THR B 142 4.45 -5.21 -10.68
C THR B 142 4.92 -4.08 -9.74
N GLN B 143 4.09 -3.77 -8.75
CA GLN B 143 4.38 -2.78 -7.73
C GLN B 143 5.04 -3.34 -6.47
N LEU B 144 4.94 -4.65 -6.23
CA LEU B 144 5.49 -5.23 -5.03
C LEU B 144 6.96 -5.59 -5.09
N HIS B 145 7.84 -4.58 -5.15
CA HIS B 145 9.28 -4.83 -5.11
C HIS B 145 9.77 -5.22 -3.73
N GLU B 146 10.77 -6.09 -3.69
CA GLU B 146 11.41 -6.40 -2.44
C GLU B 146 12.76 -5.75 -2.26
N ALA B 147 13.48 -5.58 -3.36
CA ALA B 147 14.88 -5.22 -3.25
C ALA B 147 15.37 -4.38 -4.42
N SER B 148 14.45 -3.57 -4.95
CA SER B 148 14.75 -2.69 -6.07
C SER B 148 13.63 -1.65 -6.21
N VAL B 149 13.84 -0.67 -7.07
CA VAL B 149 12.83 0.30 -7.45
C VAL B 149 12.85 0.43 -8.98
N THR B 150 11.65 0.44 -9.58
CA THR B 150 11.46 0.71 -11.01
C THR B 150 11.02 2.17 -11.20
N LEU B 151 11.63 2.84 -12.18
CA LEU B 151 11.28 4.23 -12.42
C LEU B 151 11.31 4.66 -13.88
N ILE B 152 10.67 5.81 -14.12
CA ILE B 152 10.76 6.52 -15.37
C ILE B 152 11.61 7.76 -15.16
N TRP B 153 12.69 7.84 -15.93
CA TRP B 153 13.63 8.94 -15.87
C TRP B 153 13.14 10.09 -16.75
N ARG B 154 12.92 11.26 -16.15
CA ARG B 154 12.34 12.39 -16.87
C ARG B 154 13.30 13.58 -16.93
N ASP B 155 14.58 13.34 -16.67
CA ASP B 155 15.54 14.42 -16.68
C ASP B 155 16.52 14.24 -17.86
N SER B 156 17.52 15.12 -17.94
CA SER B 156 18.54 15.10 -19.01
C SER B 156 19.63 14.03 -18.78
N ASP B 157 20.44 13.77 -19.81
CA ASP B 157 21.55 12.79 -19.74
C ASP B 157 22.64 13.18 -18.75
N GLU B 158 22.94 14.47 -18.65
CA GLU B 158 23.93 14.94 -17.64
C GLU B 158 23.42 14.84 -16.20
N ARG B 159 22.12 15.10 -16.00
CA ARG B 159 21.48 14.88 -14.71
C ARG B 159 21.45 13.38 -14.40
N MET B 160 21.22 12.55 -15.43
CA MET B 160 21.30 11.11 -15.23
C MET B 160 22.70 10.66 -14.81
N ALA B 161 23.74 11.24 -15.42
CA ALA B 161 25.13 10.92 -15.08
C ALA B 161 25.47 11.27 -13.63
N GLN B 162 25.00 12.42 -13.15
CA GLN B 162 25.28 12.78 -11.77
C GLN B 162 24.47 11.90 -10.78
N PHE B 163 23.26 11.53 -11.23
CA PHE B 163 22.43 10.51 -10.58
C PHE B 163 23.08 9.10 -10.47
N THR B 164 23.51 8.45 -11.58
CA THR B 164 24.30 7.15 -11.51
C THR B 164 25.46 7.28 -10.53
N ALA B 165 26.24 8.35 -10.65
CA ALA B 165 27.47 8.50 -9.84
C ALA B 165 27.11 8.51 -8.36
N ARG B 166 26.09 9.30 -8.04
CA ARG B 166 25.58 9.42 -6.69
C ARG B 166 25.00 8.09 -6.19
N LEU B 167 24.22 7.40 -7.03
CA LEU B 167 23.77 6.05 -6.69
C LEU B 167 24.96 5.10 -6.40
N ASN B 168 25.96 5.11 -7.29
CA ASN B 168 27.15 4.24 -7.20
C ASN B 168 27.94 4.43 -5.91
N GLU B 169 28.13 5.69 -5.51
CA GLU B 169 28.86 5.96 -4.26
C GLU B 169 28.07 5.53 -3.01
N LEU B 170 26.77 5.29 -3.19
CA LEU B 170 25.91 4.74 -2.15
C LEU B 170 25.68 3.22 -2.24
N GLY B 171 26.46 2.52 -3.06
CA GLY B 171 26.32 1.07 -3.23
C GLY B 171 25.12 0.60 -4.04
N LEU B 172 24.65 1.47 -4.93
CA LEU B 172 23.50 1.16 -5.79
C LEU B 172 23.92 1.26 -7.24
N GLN B 173 23.28 0.46 -8.11
CA GLN B 173 23.46 0.59 -9.55
C GLN B 173 22.15 1.05 -10.17
N PHE B 174 22.24 1.55 -11.41
CA PHE B 174 21.11 2.09 -12.14
C PHE B 174 21.10 1.33 -13.44
N MET B 175 20.10 0.49 -13.60
CA MET B 175 20.00 -0.52 -14.65
CA MET B 175 20.08 -0.47 -14.69
C MET B 175 18.97 -0.16 -15.69
N GLN B 176 19.35 -0.12 -16.96
CA GLN B 176 18.39 0.16 -18.04
C GLN B 176 17.75 -1.10 -18.60
N GLY B 177 16.44 -1.21 -18.46
CA GLY B 177 15.70 -2.33 -19.04
C GLY B 177 15.13 -1.96 -20.40
N ALA B 178 14.22 -2.79 -20.90
CA ALA B 178 13.53 -2.52 -22.17
C ALA B 178 12.82 -1.16 -22.15
N ARG B 179 12.00 -0.92 -21.13
CA ARG B 179 11.19 0.30 -21.10
C ARG B 179 11.45 1.18 -19.88
N PHE B 180 11.93 0.59 -18.79
CA PHE B 180 12.10 1.31 -17.51
C PHE B 180 13.53 1.23 -16.99
N TRP B 181 13.83 2.05 -15.98
CA TRP B 181 15.08 1.94 -15.23
C TRP B 181 14.86 1.22 -13.90
N HIS B 182 15.94 0.64 -13.38
CA HIS B 182 15.85 -0.09 -12.12
C HIS B 182 17.01 0.24 -11.24
N VAL B 183 16.69 0.43 -9.96
CA VAL B 183 17.69 0.77 -8.94
C VAL B 183 17.76 -0.38 -7.94
N LEU B 184 18.97 -0.84 -7.68
CA LEU B 184 19.16 -2.01 -6.85
C LEU B 184 20.60 -2.05 -6.37
N ASP B 185 20.82 -2.91 -5.39
CA ASP B 185 22.13 -3.26 -4.87
C ASP B 185 23.13 -3.43 -6.01
N ALA B 186 24.24 -2.68 -5.95
CA ALA B 186 25.30 -2.73 -6.96
C ALA B 186 25.99 -4.09 -7.09
N SER B 187 26.00 -4.85 -6.01
CA SER B 187 26.73 -6.12 -6.00
C SER B 187 25.81 -7.27 -6.38
N ALA B 188 24.57 -6.95 -6.75
CA ALA B 188 23.65 -7.95 -7.28
C ALA B 188 23.66 -7.92 -8.81
N GLY B 189 23.14 -8.98 -9.43
CA GLY B 189 23.10 -9.02 -10.91
C GLY B 189 22.60 -10.38 -11.40
N LYS B 190 22.00 -10.39 -12.59
CA LYS B 190 21.51 -11.62 -13.21
C LYS B 190 22.60 -12.70 -13.33
N ASP B 191 23.81 -12.30 -13.72
CA ASP B 191 24.97 -13.19 -13.76
C ASP B 191 25.35 -13.73 -12.38
N GLN B 192 25.34 -12.88 -11.36
CA GLN B 192 25.70 -13.28 -9.99
C GLN B 192 24.69 -14.32 -9.50
N ALA B 193 23.41 -13.99 -9.67
CA ALA B 193 22.30 -14.88 -9.28
C ALA B 193 22.44 -16.23 -9.98
N ALA B 194 22.66 -16.18 -11.29
CA ALA B 194 22.81 -17.38 -12.12
C ALA B 194 23.98 -18.20 -11.61
N ASN B 195 25.11 -17.55 -11.35
CA ASN B 195 26.27 -18.24 -10.79
C ASN B 195 25.95 -19.04 -9.55
N TRP B 196 25.17 -18.45 -8.65
CA TRP B 196 24.83 -19.03 -7.37
C TRP B 196 23.91 -20.25 -7.54
N ILE B 197 22.89 -20.09 -8.37
CA ILE B 197 22.00 -21.15 -8.81
C ILE B 197 22.77 -22.32 -9.45
N ILE B 198 23.65 -22.03 -10.41
CA ILE B 198 24.49 -23.07 -11.02
C ILE B 198 25.33 -23.83 -9.96
N ALA B 199 25.96 -23.09 -9.04
CA ALA B 199 26.81 -23.67 -8.01
C ALA B 199 25.99 -24.57 -7.10
N THR B 200 24.75 -24.18 -6.84
CA THR B 200 23.87 -24.96 -5.98
C THR B 200 23.52 -26.28 -6.63
N TYR B 201 23.08 -26.25 -7.89
CA TYR B 201 22.83 -27.51 -8.63
C TYR B 201 24.07 -28.41 -8.66
N GLN B 202 25.25 -27.80 -8.76
CA GLN B 202 26.50 -28.55 -8.84
C GLN B 202 26.83 -29.26 -7.52
N GLN B 203 26.69 -28.55 -6.40
CA GLN B 203 26.92 -29.19 -5.10
CA GLN B 203 26.89 -29.15 -5.08
C GLN B 203 25.85 -30.24 -4.78
N LEU B 204 24.59 -30.00 -5.13
CA LEU B 204 23.58 -30.99 -4.82
C LEU B 204 23.75 -32.28 -5.62
N SER B 205 24.04 -32.14 -6.92
CA SER B 205 24.14 -33.29 -7.81
C SER B 205 25.48 -34.02 -7.79
N GLY B 206 26.56 -33.29 -7.50
CA GLY B 206 27.92 -33.82 -7.65
C GLY B 206 28.47 -33.68 -9.07
N LYS B 207 27.68 -33.07 -9.95
CA LYS B 207 28.01 -33.05 -11.36
C LYS B 207 27.95 -31.62 -11.92
N ARG B 208 28.88 -31.29 -12.80
CA ARG B 208 28.88 -29.94 -13.39
C ARG B 208 27.61 -29.73 -14.21
N PRO B 209 26.81 -28.69 -13.88
CA PRO B 209 25.68 -28.39 -14.78
C PRO B 209 26.16 -27.95 -16.17
N THR B 210 25.37 -28.25 -17.20
CA THR B 210 25.57 -27.66 -18.51
C THR B 210 24.45 -26.66 -18.67
N THR B 211 24.78 -25.44 -19.07
CA THR B 211 23.81 -24.34 -19.04
C THR B 211 23.59 -23.70 -20.40
N LEU B 212 22.35 -23.28 -20.61
CA LEU B 212 21.93 -22.65 -21.84
C LEU B 212 21.21 -21.36 -21.50
N GLY B 213 21.62 -20.27 -22.12
CA GLY B 213 20.95 -19.00 -21.89
C GLY B 213 20.23 -18.55 -23.14
N LEU B 214 19.02 -18.02 -22.96
CA LEU B 214 18.21 -17.48 -24.05
C LEU B 214 17.90 -16.04 -23.72
N GLY B 215 18.37 -15.15 -24.58
CA GLY B 215 18.04 -13.73 -24.49
C GLY B 215 17.43 -13.29 -25.79
N ASP B 216 16.86 -12.09 -25.79
CA ASP B 216 16.32 -11.52 -27.02
C ASP B 216 16.90 -10.16 -27.38
N GLY B 217 18.09 -9.86 -26.86
CA GLY B 217 18.78 -8.58 -27.16
C GLY B 217 20.24 -8.50 -26.74
N PRO B 218 20.96 -7.45 -27.16
CA PRO B 218 22.39 -7.31 -26.79
C PRO B 218 22.66 -7.03 -25.29
N ASN B 219 21.67 -6.53 -24.57
CA ASN B 219 21.82 -6.24 -23.13
C ASN B 219 21.61 -7.45 -22.21
N ASP B 220 21.32 -8.60 -22.82
CA ASP B 220 21.24 -9.86 -22.09
C ASP B 220 22.63 -10.42 -21.88
N ALA B 221 23.64 -9.67 -22.33
CA ALA B 221 25.03 -10.11 -22.35
C ALA B 221 25.56 -10.64 -21.01
N PRO B 222 25.35 -9.92 -19.88
CA PRO B 222 25.90 -10.37 -18.60
C PRO B 222 25.49 -11.79 -18.22
N LEU B 223 24.18 -12.03 -18.09
CA LEU B 223 23.61 -13.37 -17.91
C LEU B 223 24.14 -14.39 -18.91
N LEU B 224 24.15 -13.99 -20.18
CA LEU B 224 24.49 -14.91 -21.25
C LEU B 224 25.98 -15.22 -21.27
N GLU B 225 26.79 -14.32 -20.72
CA GLU B 225 28.26 -14.49 -20.69
C GLU B 225 28.63 -15.70 -19.83
N VAL B 226 27.86 -15.91 -18.75
CA VAL B 226 28.24 -16.98 -17.83
C VAL B 226 27.75 -18.37 -18.29
N MET B 227 26.96 -18.39 -19.36
CA MET B 227 26.39 -19.63 -19.88
C MET B 227 27.40 -20.41 -20.71
N ASP B 228 27.32 -21.75 -20.65
CA ASP B 228 28.08 -22.63 -21.56
C ASP B 228 27.68 -22.38 -23.02
N TYR B 229 26.37 -22.29 -23.26
CA TYR B 229 25.80 -22.06 -24.56
C TYR B 229 24.83 -20.90 -24.44
N ALA B 230 24.90 -19.97 -25.38
CA ALA B 230 24.00 -18.80 -25.36
C ALA B 230 23.46 -18.48 -26.76
N VAL B 231 22.15 -18.25 -26.83
CA VAL B 231 21.51 -17.86 -28.10
C VAL B 231 20.64 -16.66 -27.87
N ILE B 232 20.59 -15.83 -28.91
CA ILE B 232 19.64 -14.74 -29.03
C ILE B 232 18.48 -15.27 -29.87
N VAL B 233 17.28 -15.11 -29.36
CA VAL B 233 16.12 -15.58 -30.12
C VAL B 233 15.24 -14.40 -30.57
N LYS B 234 14.72 -14.55 -31.76
CA LYS B 234 13.92 -13.53 -32.38
C LYS B 234 12.68 -14.22 -32.89
N GLY B 235 11.53 -13.84 -32.35
CA GLY B 235 10.22 -14.31 -32.83
C GLY B 235 9.96 -13.88 -34.26
N LEU B 236 9.04 -14.57 -34.92
CA LEU B 236 8.61 -14.18 -36.28
C LEU B 236 7.18 -13.63 -36.29
S SO4 C . -17.81 7.06 21.07
O1 SO4 C . -18.04 6.91 22.49
O2 SO4 C . -17.97 8.47 20.69
O3 SO4 C . -16.48 6.56 20.71
O4 SO4 C . -18.81 6.26 20.38
S SO4 D . -14.29 8.29 -0.37
O1 SO4 D . -15.39 7.74 0.42
O2 SO4 D . -14.48 9.73 -0.55
O3 SO4 D . -13.05 8.04 0.37
O4 SO4 D . -14.22 7.64 -1.67
OH2 1PE E . 1.92 13.77 16.15
C12 1PE E . 3.07 14.29 15.47
C22 1PE E . 4.00 13.20 14.93
OH3 1PE E . 5.11 13.86 14.26
C13 1PE E . 7.31 12.76 13.75
C23 1PE E . 5.85 12.99 13.37
OH4 1PE E . 7.50 11.36 14.09
C14 1PE E . 8.09 9.90 12.35
C24 1PE E . 8.64 10.74 13.48
OH5 1PE E . 8.61 8.58 12.25
C15 1PE E . 8.64 6.67 10.65
C25 1PE E . 7.90 7.89 11.19
OH6 1PE E . 9.42 5.98 11.65
C16 1PE E . 9.14 4.04 13.12
C26 1PE E . 9.10 4.57 11.68
OH7 1PE E . 7.81 3.98 13.70
O1 PG4 F . 0.02 17.56 24.68
C1 PG4 F . 1.38 17.82 24.30
C2 PG4 F . 1.45 18.12 22.81
O2 PG4 F . 2.12 17.09 22.07
C3 PG4 F . 2.05 17.24 20.64
C4 PG4 F . 3.26 16.51 20.07
O3 PG4 F . 3.49 16.70 18.66
C5 PG4 F . 4.90 16.63 18.32
C6 PG4 F . 5.50 15.26 18.63
O4 PG4 F . 6.67 14.97 17.85
C7 PG4 F . 7.22 13.68 18.21
C8 PG4 F . 8.35 13.25 17.26
O5 PG4 F . 9.22 12.27 17.84
C1 PGE G . 0.56 13.79 22.40
O1 PGE G . 0.67 13.11 23.67
C2 PGE G . 0.68 12.79 21.27
O2 PGE G . 2.06 12.44 21.13
C3 PGE G . 2.32 11.81 19.88
C4 PGE G . 3.71 11.20 19.92
O4 PGE G . 6.32 8.44 17.11
C6 PGE G . 5.08 9.16 17.15
C5 PGE G . 5.08 10.13 18.32
O3 PGE G . 3.81 10.12 18.99
S SO4 H . 11.85 -3.30 -18.00
O1 SO4 H . 10.94 -3.76 -16.95
O2 SO4 H . 11.04 -2.87 -19.14
O3 SO4 H . 12.64 -2.16 -17.56
O4 SO4 H . 12.76 -4.37 -18.38
#